data_1IAJ
#
_entry.id   1IAJ
#
_cell.length_a   108.270
_cell.length_b   138.200
_cell.length_c   113.520
_cell.angle_alpha   90.00
_cell.angle_beta   90.00
_cell.angle_gamma   90.00
#
_symmetry.space_group_name_H-M   'C 2 2 21'
#
loop_
_entity.id
_entity.type
_entity.pdbx_description
1 polymer 'TRANSIENT RECEPTOR POTENTIAL-RELATED PROTEIN'
2 non-polymer 'ZINC ION'
#
_entity_poly.entity_id   1
_entity_poly.type   'polypeptide(L)'
_entity_poly.pdbx_seq_one_letter_code
;TNYYYSAVERNNLMRLSQSIPFVPVPPRGEPVTVYRLEESSPSILNNSMSSWSQLGLCAKIEFLSKEEMGGGLRRAVKVL
CTWSEHDILKSGHLYIIKSFLPEVINTWSSIYKEDTVLHLCLREIQQQRAAQKLTFAFNQMKPKSIPYSPRFLEVFLLYC
HSAGQWFAVEECMTGEFRKYNNNNGDEIIPTNTLEEIMLAFSHWTYEYTRGELLVLDLQGVGENLTDPSVIKAEEKRSCD
MVFGPANLGEDAIKNFRAKHHCNSCCRKLKLPDLKRNDYT
;
_entity_poly.pdbx_strand_id   A,B
#
# COMPACT_ATOMS: atom_id res chain seq x y z
N TYR A 3 -9.20 33.36 -29.94
CA TYR A 3 -8.54 32.05 -29.62
C TYR A 3 -9.55 30.92 -29.36
N TYR A 4 -9.20 29.71 -29.78
CA TYR A 4 -10.08 28.54 -29.63
C TYR A 4 -9.29 27.24 -29.32
N TYR A 5 -9.88 26.06 -29.59
CA TYR A 5 -9.17 24.81 -29.29
C TYR A 5 -8.91 23.88 -30.48
N SER A 6 -7.78 23.17 -30.42
CA SER A 6 -7.37 22.24 -31.48
C SER A 6 -8.26 21.00 -31.61
N ALA A 7 -7.96 20.20 -32.63
CA ALA A 7 -8.69 18.96 -32.94
C ALA A 7 -8.34 17.84 -31.97
N VAL A 8 -7.13 17.93 -31.42
CA VAL A 8 -6.66 16.95 -30.46
C VAL A 8 -7.62 16.98 -29.30
N GLU A 9 -7.64 18.12 -28.62
CA GLU A 9 -8.50 18.31 -27.47
C GLU A 9 -9.94 18.14 -27.86
N ARG A 10 -10.33 18.71 -29.00
CA ARG A 10 -11.71 18.58 -29.46
C ARG A 10 -12.11 17.11 -29.46
N ASN A 11 -11.18 16.25 -29.91
CA ASN A 11 -11.38 14.81 -29.99
C ASN A 11 -11.34 14.09 -28.65
N ASN A 12 -10.27 14.36 -27.90
CA ASN A 12 -10.11 13.77 -26.58
C ASN A 12 -11.30 14.17 -25.76
N LEU A 13 -11.56 15.48 -25.75
CA LEU A 13 -12.68 16.03 -25.01
C LEU A 13 -13.99 15.39 -25.44
N MET A 14 -14.20 15.25 -26.75
CA MET A 14 -15.43 14.66 -27.22
C MET A 14 -15.55 13.16 -26.93
N ARG A 15 -14.44 12.44 -27.03
CA ARG A 15 -14.43 10.99 -26.80
C ARG A 15 -14.69 10.70 -25.32
N LEU A 16 -14.30 11.66 -24.47
CA LEU A 16 -14.48 11.56 -23.02
C LEU A 16 -15.98 11.54 -22.79
N SER A 17 -16.71 12.10 -23.75
CA SER A 17 -18.16 12.16 -23.68
C SER A 17 -18.74 10.91 -24.31
N GLN A 18 -17.85 10.08 -24.87
CA GLN A 18 -18.27 8.84 -25.52
C GLN A 18 -17.88 7.57 -24.79
N SER A 19 -18.76 6.58 -24.85
CA SER A 19 -18.58 5.27 -24.22
C SER A 19 -17.19 4.67 -24.39
N ILE A 20 -16.23 5.14 -23.60
CA ILE A 20 -14.89 4.61 -23.64
C ILE A 20 -15.03 3.20 -23.08
N PRO A 21 -14.21 2.26 -23.58
CA PRO A 21 -14.31 0.88 -23.07
C PRO A 21 -13.66 0.67 -21.70
N PHE A 22 -14.30 -0.17 -20.88
CA PHE A 22 -13.80 -0.51 -19.54
C PHE A 22 -13.85 -2.02 -19.25
N VAL A 23 -12.67 -2.62 -19.08
CA VAL A 23 -12.59 -4.05 -18.77
C VAL A 23 -11.84 -4.34 -17.47
N PRO A 24 -12.58 -4.75 -16.42
CA PRO A 24 -12.04 -5.08 -15.10
C PRO A 24 -11.21 -6.36 -15.01
N VAL A 25 -9.90 -6.18 -14.91
CA VAL A 25 -9.00 -7.30 -14.75
C VAL A 25 -9.07 -7.62 -13.26
N PRO A 26 -8.97 -8.91 -12.90
CA PRO A 26 -9.04 -9.23 -11.47
C PRO A 26 -7.77 -8.77 -10.78
N PRO A 27 -7.90 -7.94 -9.71
CA PRO A 27 -6.72 -7.48 -8.99
C PRO A 27 -5.69 -8.60 -8.94
N ARG A 28 -4.46 -8.29 -9.33
CA ARG A 28 -3.38 -9.29 -9.36
C ARG A 28 -2.69 -9.46 -8.02
N GLY A 29 -2.47 -10.72 -7.63
CA GLY A 29 -1.84 -11.02 -6.37
C GLY A 29 -2.86 -10.84 -5.26
N GLU A 30 -2.50 -11.24 -4.05
CA GLU A 30 -3.44 -11.10 -2.96
C GLU A 30 -2.87 -10.23 -1.85
N PRO A 31 -3.75 -9.56 -1.09
CA PRO A 31 -3.38 -8.69 0.02
C PRO A 31 -3.42 -9.50 1.31
N VAL A 32 -2.43 -9.32 2.17
CA VAL A 32 -2.39 -10.07 3.39
C VAL A 32 -2.09 -9.16 4.55
N THR A 33 -2.13 -9.71 5.76
CA THR A 33 -1.86 -8.94 6.96
C THR A 33 -0.61 -9.48 7.64
N VAL A 34 0.28 -8.56 8.01
CA VAL A 34 1.54 -8.92 8.64
C VAL A 34 1.75 -8.27 9.99
N TYR A 35 2.24 -9.08 10.90
CA TYR A 35 2.53 -8.64 12.25
C TYR A 35 4.01 -8.92 12.42
N ARG A 36 4.67 -8.16 13.28
CA ARG A 36 6.09 -8.38 13.47
C ARG A 36 6.45 -8.52 14.94
N LEU A 37 7.66 -9.02 15.19
CA LEU A 37 8.11 -9.15 16.55
C LEU A 37 8.97 -7.90 16.79
N GLU A 38 8.42 -6.93 17.50
CA GLU A 38 9.10 -5.67 17.78
C GLU A 38 10.10 -5.73 18.94
N GLU A 39 11.06 -4.82 18.93
CA GLU A 39 12.10 -4.75 19.97
C GLU A 39 12.11 -3.39 20.68
N SER A 40 12.14 -3.39 22.00
CA SER A 40 12.17 -2.14 22.75
C SER A 40 13.37 -1.25 22.39
N SER A 41 14.35 -1.82 21.70
CA SER A 41 15.55 -1.08 21.28
C SER A 41 16.25 -1.79 20.11
N PRO A 42 15.63 -1.78 18.91
CA PRO A 42 16.17 -2.41 17.71
C PRO A 42 17.66 -2.23 17.51
N SER A 43 18.17 -1.09 17.93
CA SER A 43 19.58 -0.80 17.75
C SER A 43 20.52 -1.53 18.73
N ILE A 44 19.96 -2.44 19.53
CA ILE A 44 20.73 -3.25 20.51
C ILE A 44 20.00 -4.56 20.78
N LEU A 45 19.71 -5.30 19.72
CA LEU A 45 18.99 -6.55 19.82
C LEU A 45 19.28 -7.38 21.07
N ASN A 46 20.52 -7.36 21.58
CA ASN A 46 20.86 -8.17 22.76
C ASN A 46 20.25 -7.73 24.09
N ASN A 47 20.15 -6.41 24.32
CA ASN A 47 19.57 -5.86 25.56
C ASN A 47 18.28 -5.10 25.28
N SER A 48 17.35 -5.76 24.60
CA SER A 48 16.07 -5.16 24.24
C SER A 48 15.02 -6.23 24.35
N MET A 49 13.84 -5.88 24.86
CA MET A 49 12.77 -6.85 25.00
C MET A 49 11.99 -7.01 23.71
N SER A 50 11.53 -8.23 23.46
CA SER A 50 10.77 -8.49 22.26
C SER A 50 9.31 -8.61 22.63
N SER A 51 8.45 -8.00 21.83
CA SER A 51 7.01 -8.05 22.08
C SER A 51 6.28 -8.02 20.74
N TRP A 52 5.37 -8.98 20.53
CA TRP A 52 4.60 -9.05 19.29
C TRP A 52 3.80 -7.75 19.12
N SER A 53 3.44 -7.42 17.89
CA SER A 53 2.65 -6.21 17.63
C SER A 53 1.18 -6.61 17.57
N GLN A 54 0.28 -5.66 17.83
CA GLN A 54 -1.16 -5.92 17.80
C GLN A 54 -1.74 -5.52 16.44
N LEU A 55 -1.12 -4.52 15.81
CA LEU A 55 -1.54 -3.98 14.51
C LEU A 55 -0.96 -4.70 13.29
N GLY A 56 -1.85 -5.17 12.42
CA GLY A 56 -1.42 -5.87 11.21
C GLY A 56 -1.51 -5.05 9.94
N LEU A 57 -0.42 -4.36 9.59
CA LEU A 57 -0.36 -3.53 8.39
C LEU A 57 -0.55 -4.35 7.12
N CYS A 58 -1.29 -3.83 6.17
CA CYS A 58 -1.52 -4.58 4.93
C CYS A 58 -0.39 -4.48 3.94
N ALA A 59 -0.18 -5.57 3.20
CA ALA A 59 0.86 -5.66 2.19
C ALA A 59 0.40 -6.54 1.03
N LYS A 60 0.63 -6.08 -0.19
CA LYS A 60 0.21 -6.85 -1.35
C LYS A 60 1.39 -7.62 -1.88
N ILE A 61 1.16 -8.89 -2.16
CA ILE A 61 2.20 -9.77 -2.66
C ILE A 61 1.72 -10.52 -3.91
N GLU A 62 2.69 -10.94 -4.72
CA GLU A 62 2.42 -11.68 -5.94
C GLU A 62 3.11 -13.04 -5.84
N PHE A 63 2.36 -14.11 -6.07
CA PHE A 63 2.94 -15.45 -5.98
C PHE A 63 3.71 -15.77 -7.26
N LEU A 64 4.90 -16.33 -7.11
CA LEU A 64 5.69 -16.69 -8.27
C LEU A 64 5.84 -18.20 -8.31
N SER A 65 6.70 -18.71 -7.43
CA SER A 65 6.96 -20.15 -7.35
C SER A 65 5.85 -20.88 -6.58
N LYS A 66 5.95 -22.22 -6.51
CA LYS A 66 4.96 -23.03 -5.79
C LYS A 66 5.61 -24.28 -5.16
N GLU A 67 6.95 -24.38 -5.28
CA GLU A 67 7.74 -25.52 -4.74
C GLU A 67 7.62 -25.67 -3.23
N GLU A 68 8.03 -26.82 -2.71
CA GLU A 68 7.90 -27.08 -1.28
C GLU A 68 9.26 -27.30 -0.59
N MET A 69 10.26 -26.53 -0.99
CA MET A 69 11.58 -26.71 -0.42
C MET A 69 11.81 -25.89 0.86
N ARG A 74 9.58 -28.03 6.66
CA ARG A 74 8.72 -26.87 6.38
C ARG A 74 8.70 -26.49 4.89
N ARG A 75 7.49 -26.51 4.31
CA ARG A 75 7.23 -26.20 2.89
C ARG A 75 7.20 -24.68 2.57
N ALA A 76 8.15 -24.20 1.76
CA ALA A 76 8.23 -22.78 1.41
C ALA A 76 7.71 -22.38 0.02
N VAL A 77 7.61 -21.06 -0.25
CA VAL A 77 7.16 -20.52 -1.54
C VAL A 77 7.67 -19.10 -1.83
N LYS A 78 8.13 -18.84 -3.06
CA LYS A 78 8.67 -17.52 -3.42
C LYS A 78 7.60 -16.51 -3.76
N VAL A 79 7.80 -15.27 -3.30
CA VAL A 79 6.82 -14.22 -3.54
C VAL A 79 7.45 -12.83 -3.70
N LEU A 80 6.72 -11.94 -4.34
CA LEU A 80 7.19 -10.58 -4.56
C LEU A 80 6.30 -9.50 -3.94
N CYS A 81 6.86 -8.76 -3.00
CA CYS A 81 6.10 -7.68 -2.39
C CYS A 81 5.99 -6.58 -3.43
N THR A 82 4.78 -6.09 -3.66
CA THR A 82 4.60 -5.03 -4.63
C THR A 82 4.34 -3.71 -3.89
N TRP A 83 3.68 -3.82 -2.73
CA TRP A 83 3.36 -2.65 -1.91
C TRP A 83 3.06 -3.12 -0.47
N SER A 84 3.44 -2.32 0.51
CA SER A 84 3.18 -2.63 1.91
C SER A 84 2.83 -1.34 2.64
N GLU A 85 1.91 -1.41 3.60
CA GLU A 85 1.52 -0.21 4.33
C GLU A 85 2.64 0.29 5.25
N HIS A 86 2.99 1.57 5.13
CA HIS A 86 4.06 2.14 5.95
C HIS A 86 5.32 1.35 5.69
N ASP A 87 5.38 0.81 4.48
CA ASP A 87 6.49 -0.01 3.99
C ASP A 87 7.09 -0.94 5.04
N ILE A 88 6.28 -1.90 5.47
CA ILE A 88 6.70 -2.90 6.44
C ILE A 88 7.58 -3.89 5.72
N LEU A 89 7.20 -4.19 4.49
CA LEU A 89 7.96 -5.08 3.65
C LEU A 89 8.57 -4.24 2.54
N LYS A 90 9.85 -4.42 2.33
CA LYS A 90 10.51 -3.69 1.26
C LYS A 90 9.70 -3.98 0.00
N SER A 91 9.18 -2.93 -0.64
CA SER A 91 8.40 -3.11 -1.85
C SER A 91 9.31 -3.50 -3.01
N GLY A 92 8.79 -4.29 -3.94
CA GLY A 92 9.58 -4.70 -5.08
C GLY A 92 10.73 -5.61 -4.70
N HIS A 93 10.53 -6.37 -3.63
CA HIS A 93 11.51 -7.32 -3.11
C HIS A 93 10.92 -8.70 -3.02
N LEU A 94 11.76 -9.69 -3.27
CA LEU A 94 11.28 -11.05 -3.20
C LEU A 94 11.34 -11.48 -1.74
N TYR A 95 10.31 -12.21 -1.32
CA TYR A 95 10.19 -12.70 0.04
C TYR A 95 9.75 -14.15 -0.02
N ILE A 96 10.19 -14.95 0.96
CA ILE A 96 9.78 -16.35 1.00
C ILE A 96 8.71 -16.56 2.07
N ILE A 97 7.75 -17.44 1.76
CA ILE A 97 6.69 -17.77 2.70
C ILE A 97 6.72 -19.26 2.98
N LYS A 98 7.04 -19.61 4.22
CA LYS A 98 7.10 -21.00 4.62
C LYS A 98 5.91 -21.34 5.49
N SER A 99 5.39 -22.55 5.28
CA SER A 99 4.27 -23.06 6.06
C SER A 99 4.85 -24.27 6.80
N PHE A 100 4.01 -25.00 7.52
CA PHE A 100 4.53 -26.15 8.24
C PHE A 100 4.14 -27.48 7.62
N LEU A 101 5.10 -28.39 7.61
CA LEU A 101 4.91 -29.72 7.08
C LEU A 101 3.64 -30.32 7.70
N PRO A 102 2.78 -30.97 6.89
CA PRO A 102 1.54 -31.57 7.40
C PRO A 102 1.73 -32.48 8.63
N GLU A 103 2.77 -33.33 8.57
CA GLU A 103 3.07 -34.25 9.66
C GLU A 103 3.58 -33.51 10.91
N VAL A 104 4.43 -32.51 10.68
CA VAL A 104 5.00 -31.70 11.77
C VAL A 104 3.95 -30.89 12.52
N ILE A 105 2.85 -30.57 11.84
CA ILE A 105 1.76 -29.80 12.42
C ILE A 105 0.82 -30.65 13.28
N ASN A 106 0.38 -31.80 12.75
CA ASN A 106 -0.50 -32.69 13.49
C ASN A 106 0.27 -33.39 14.62
N THR A 107 0.69 -32.60 15.61
CA THR A 107 1.43 -33.12 16.74
C THR A 107 1.28 -32.18 17.95
N TRP A 108 0.24 -31.33 17.95
CA TRP A 108 0.01 -30.40 19.08
C TRP A 108 -1.39 -29.80 19.02
N ASP A 115 -5.57 -23.87 15.26
CA ASP A 115 -5.08 -22.88 16.22
C ASP A 115 -3.59 -23.12 16.55
N THR A 116 -3.15 -24.37 16.40
CA THR A 116 -1.77 -24.73 16.70
C THR A 116 -0.80 -24.20 15.64
N VAL A 117 -1.23 -24.20 14.37
CA VAL A 117 -0.37 -23.71 13.29
C VAL A 117 -0.02 -22.25 13.54
N LEU A 118 -0.96 -21.50 14.08
CA LEU A 118 -0.72 -20.09 14.38
C LEU A 118 0.38 -20.03 15.43
N HIS A 119 0.27 -20.90 16.43
CA HIS A 119 1.25 -20.92 17.50
C HIS A 119 2.56 -21.49 17.02
N LEU A 120 2.48 -22.49 16.16
CA LEU A 120 3.67 -23.12 15.62
C LEU A 120 4.55 -22.04 14.96
N CYS A 121 3.89 -21.01 14.44
CA CYS A 121 4.57 -19.91 13.79
C CYS A 121 5.19 -18.95 14.78
N LEU A 122 4.36 -18.31 15.60
CA LEU A 122 4.81 -17.33 16.62
C LEU A 122 6.01 -17.85 17.39
N ARG A 123 6.14 -19.16 17.40
CA ARG A 123 7.24 -19.79 18.09
C ARG A 123 8.51 -19.76 17.26
N GLU A 124 8.45 -20.23 16.02
CA GLU A 124 9.62 -20.24 15.14
C GLU A 124 10.22 -18.86 14.89
N ILE A 125 9.38 -17.83 14.84
CA ILE A 125 9.85 -16.46 14.65
C ILE A 125 10.51 -16.02 15.96
N GLN A 126 9.90 -16.41 17.07
CA GLN A 126 10.42 -16.11 18.39
C GLN A 126 11.79 -16.74 18.48
N GLN A 127 11.91 -17.95 17.96
CA GLN A 127 13.15 -18.72 17.96
C GLN A 127 14.27 -18.01 17.23
N GLN A 128 14.06 -17.75 15.94
CA GLN A 128 15.03 -17.07 15.09
C GLN A 128 15.52 -15.76 15.74
N ARG A 129 14.63 -14.99 16.37
CA ARG A 129 15.03 -13.73 17.02
C ARG A 129 16.05 -13.96 18.13
N ALA A 130 15.89 -15.05 18.87
CA ALA A 130 16.83 -15.35 19.94
C ALA A 130 18.20 -15.54 19.30
N ALA A 131 18.20 -16.27 18.18
CA ALA A 131 19.44 -16.51 17.45
C ALA A 131 19.96 -15.16 16.99
N GLN A 132 19.06 -14.36 16.42
CA GLN A 132 19.35 -13.00 15.94
C GLN A 132 20.02 -12.22 17.06
N LYS A 133 19.42 -12.26 18.26
CA LYS A 133 20.00 -11.54 19.40
C LYS A 133 21.40 -12.06 19.73
N LEU A 134 21.53 -13.38 19.78
CA LEU A 134 22.81 -14.01 20.08
C LEU A 134 23.93 -13.58 19.12
N THR A 135 23.55 -13.36 17.87
CA THR A 135 24.50 -12.95 16.84
C THR A 135 24.92 -11.51 17.07
N PHE A 136 23.98 -10.68 17.47
CA PHE A 136 24.29 -9.28 17.73
C PHE A 136 25.36 -9.21 18.80
N ALA A 137 25.24 -10.08 19.81
CA ALA A 137 26.21 -10.12 20.91
C ALA A 137 27.55 -10.63 20.37
N PHE A 138 27.51 -11.75 19.66
CA PHE A 138 28.71 -12.34 19.07
C PHE A 138 29.48 -11.29 18.28
N ASN A 139 28.80 -10.67 17.31
CA ASN A 139 29.42 -9.64 16.48
C ASN A 139 29.97 -8.48 17.31
N GLN A 140 29.40 -8.31 18.51
CA GLN A 140 29.79 -7.25 19.43
C GLN A 140 31.11 -7.57 20.13
N MET A 141 31.21 -8.76 20.70
CA MET A 141 32.42 -9.19 21.41
C MET A 141 33.48 -9.80 20.47
N LYS A 142 33.13 -9.93 19.20
CA LYS A 142 34.01 -10.49 18.21
C LYS A 142 35.33 -9.72 18.04
N PRO A 143 36.48 -10.44 18.04
CA PRO A 143 37.79 -9.80 17.89
C PRO A 143 37.93 -9.22 16.48
N LYS A 144 39.04 -8.54 16.22
CA LYS A 144 39.23 -7.99 14.89
C LYS A 144 39.70 -9.16 14.03
N SER A 145 40.24 -10.18 14.69
CA SER A 145 40.74 -11.37 14.02
C SER A 145 39.64 -12.09 13.24
N ILE A 146 38.43 -12.17 13.82
CA ILE A 146 37.29 -12.81 13.15
C ILE A 146 36.62 -11.70 12.35
N PRO A 147 36.77 -11.70 11.01
CA PRO A 147 36.16 -10.68 10.15
C PRO A 147 34.69 -10.93 9.81
N TYR A 148 34.38 -12.13 9.36
CA TYR A 148 33.01 -12.46 9.00
C TYR A 148 32.08 -12.28 10.18
N SER A 149 30.92 -11.70 9.92
CA SER A 149 29.92 -11.44 10.94
C SER A 149 28.59 -12.10 10.61
N PRO A 150 28.30 -13.22 11.28
CA PRO A 150 27.05 -13.96 11.06
C PRO A 150 25.83 -13.06 11.27
N ARG A 151 24.80 -13.24 10.45
CA ARG A 151 23.60 -12.44 10.54
C ARG A 151 22.36 -13.24 10.23
N PHE A 152 21.32 -13.01 11.00
CA PHE A 152 20.07 -13.68 10.79
C PHE A 152 19.12 -12.66 10.22
N LEU A 153 18.13 -13.12 9.46
CA LEU A 153 17.18 -12.22 8.85
C LEU A 153 16.01 -12.03 9.83
N GLU A 154 15.22 -10.99 9.61
CA GLU A 154 14.06 -10.72 10.45
C GLU A 154 12.88 -11.42 9.81
N VAL A 155 12.11 -12.14 10.61
CA VAL A 155 10.96 -12.86 10.07
C VAL A 155 9.67 -12.23 10.56
N PHE A 156 8.66 -12.32 9.71
CA PHE A 156 7.36 -11.76 10.02
C PHE A 156 6.25 -12.79 9.99
N LEU A 157 5.17 -12.46 10.67
CA LEU A 157 4.01 -13.32 10.74
C LEU A 157 2.98 -12.65 9.86
N LEU A 158 2.41 -13.39 8.93
CA LEU A 158 1.40 -12.82 8.08
C LEU A 158 0.22 -13.74 7.96
N TYR A 159 -0.92 -13.20 7.57
CA TYR A 159 -2.12 -13.99 7.46
C TYR A 159 -2.73 -13.94 6.06
N CYS A 160 -2.72 -15.08 5.37
CA CYS A 160 -3.29 -15.16 4.04
C CYS A 160 -4.81 -15.18 4.23
N HIS A 161 -5.52 -14.33 3.51
CA HIS A 161 -6.98 -14.31 3.64
C HIS A 161 -7.60 -15.41 2.80
N SER A 162 -7.14 -15.53 1.56
CA SER A 162 -7.64 -16.56 0.66
C SER A 162 -7.38 -17.97 1.20
N ALA A 163 -6.10 -18.34 1.26
CA ALA A 163 -5.74 -19.66 1.75
C ALA A 163 -6.16 -19.75 3.22
N GLY A 164 -6.66 -18.65 3.76
CA GLY A 164 -7.08 -18.59 5.15
C GLY A 164 -6.08 -19.31 6.05
N GLN A 165 -4.98 -18.65 6.40
CA GLN A 165 -3.96 -19.27 7.23
C GLN A 165 -2.79 -18.34 7.61
N TRP A 166 -1.92 -18.82 8.48
CA TRP A 166 -0.76 -18.05 8.91
C TRP A 166 0.55 -18.64 8.38
N PHE A 167 1.51 -17.77 8.10
CA PHE A 167 2.81 -18.20 7.60
C PHE A 167 3.91 -17.26 8.07
N ALA A 168 5.15 -17.62 7.76
CA ALA A 168 6.28 -16.81 8.13
C ALA A 168 6.83 -16.20 6.86
N VAL A 169 7.36 -15.00 6.96
CA VAL A 169 7.92 -14.34 5.79
C VAL A 169 9.32 -13.85 6.06
N GLU A 170 10.24 -14.22 5.19
CA GLU A 170 11.62 -13.80 5.30
C GLU A 170 12.04 -13.39 3.90
N GLU A 171 12.96 -12.45 3.79
CA GLU A 171 13.43 -12.01 2.48
C GLU A 171 14.16 -13.14 1.77
N CYS A 172 14.05 -13.19 0.45
CA CYS A 172 14.73 -14.20 -0.35
C CYS A 172 16.22 -13.85 -0.44
N MET A 173 17.06 -14.81 -0.09
CA MET A 173 18.51 -14.61 -0.11
C MET A 173 19.06 -15.08 -1.46
N THR A 174 19.88 -14.23 -2.09
CA THR A 174 20.47 -14.58 -3.38
C THR A 174 21.89 -15.10 -3.20
N GLY A 175 22.25 -16.12 -3.98
CA GLY A 175 23.59 -16.68 -3.90
C GLY A 175 23.57 -18.14 -3.48
N GLU A 176 24.73 -18.77 -3.49
CA GLU A 176 24.82 -20.18 -3.11
C GLU A 176 24.46 -20.42 -1.65
N PHE A 177 23.47 -21.30 -1.41
CA PHE A 177 23.06 -21.61 -0.06
C PHE A 177 23.64 -22.95 0.38
N ARG A 178 24.14 -23.00 1.62
CA ARG A 178 24.73 -24.22 2.18
C ARG A 178 24.49 -24.33 3.68
N LYS A 179 24.53 -25.55 4.21
CA LYS A 179 24.32 -25.84 5.63
C LYS A 179 25.64 -26.20 6.29
N TYR A 180 26.00 -25.50 7.37
CA TYR A 180 27.28 -25.76 8.05
C TYR A 180 27.21 -26.81 9.18
N ASN A 181 26.03 -27.01 9.73
CA ASN A 181 25.85 -28.03 10.74
C ASN A 181 24.36 -28.22 10.91
N ASN A 182 23.96 -29.13 11.77
CA ASN A 182 22.55 -29.37 11.99
C ASN A 182 22.34 -29.69 13.45
N ASN A 183 21.09 -29.94 13.81
CA ASN A 183 20.76 -30.26 15.19
C ASN A 183 21.15 -31.71 15.46
N ASN A 184 22.43 -32.04 15.28
CA ASN A 184 22.90 -33.39 15.50
C ASN A 184 24.41 -33.49 15.54
N GLY A 185 25.07 -32.34 15.71
CA GLY A 185 26.50 -32.33 15.80
C GLY A 185 27.17 -32.57 14.46
N ASP A 186 26.36 -32.87 13.45
CA ASP A 186 26.90 -33.10 12.13
C ASP A 186 27.36 -31.74 11.59
N GLU A 187 28.67 -31.60 11.40
CA GLU A 187 29.18 -30.35 10.90
C GLU A 187 30.15 -30.58 9.76
N ILE A 188 30.19 -29.65 8.83
CA ILE A 188 31.09 -29.74 7.71
C ILE A 188 32.52 -29.62 8.18
N ILE A 189 33.43 -29.85 7.25
CA ILE A 189 34.85 -29.71 7.52
C ILE A 189 35.17 -28.35 6.90
N PRO A 190 35.46 -27.33 7.73
CA PRO A 190 35.78 -25.99 7.24
C PRO A 190 36.75 -26.06 6.08
N THR A 191 36.33 -25.54 4.94
CA THR A 191 37.19 -25.54 3.77
C THR A 191 37.78 -24.14 3.62
N ASN A 192 37.23 -23.19 4.38
CA ASN A 192 37.72 -21.81 4.35
C ASN A 192 37.33 -21.08 5.63
N THR A 193 37.83 -19.86 5.79
CA THR A 193 37.56 -19.05 6.97
C THR A 193 36.10 -19.01 7.38
N LEU A 194 35.28 -18.44 6.50
CA LEU A 194 33.87 -18.33 6.76
C LEU A 194 33.33 -19.52 7.52
N GLU A 195 33.44 -20.70 6.92
CA GLU A 195 32.95 -21.93 7.52
C GLU A 195 33.47 -22.19 8.92
N GLU A 196 34.71 -21.78 9.19
CA GLU A 196 35.33 -21.97 10.49
C GLU A 196 34.54 -21.15 11.51
N ILE A 197 34.31 -19.90 11.17
CA ILE A 197 33.59 -18.97 12.02
C ILE A 197 32.17 -19.45 12.25
N MET A 198 31.57 -20.03 11.23
CA MET A 198 30.21 -20.48 11.36
C MET A 198 30.15 -21.67 12.29
N LEU A 199 31.14 -22.53 12.23
CA LEU A 199 31.15 -23.71 13.08
C LEU A 199 31.42 -23.31 14.51
N ALA A 200 32.32 -22.33 14.65
CA ALA A 200 32.74 -21.77 15.93
C ALA A 200 31.58 -21.12 16.69
N PHE A 201 30.91 -20.18 16.02
CA PHE A 201 29.81 -19.46 16.62
C PHE A 201 28.93 -20.39 17.43
N SER A 202 28.53 -21.51 16.83
CA SER A 202 27.70 -22.47 17.53
C SER A 202 28.34 -22.81 18.86
N HIS A 203 29.59 -23.26 18.81
CA HIS A 203 30.34 -23.60 20.02
C HIS A 203 30.31 -22.39 20.96
N TRP A 204 30.55 -21.20 20.41
CA TRP A 204 30.59 -19.98 21.19
C TRP A 204 29.29 -19.61 21.87
N THR A 205 28.16 -19.99 21.30
CA THR A 205 26.90 -19.65 21.96
C THR A 205 26.74 -20.50 23.21
N TYR A 206 27.20 -21.75 23.13
CA TYR A 206 27.11 -22.65 24.26
C TYR A 206 27.96 -22.08 25.38
N GLU A 207 29.11 -21.52 25.03
CA GLU A 207 30.00 -20.95 26.03
C GLU A 207 29.40 -19.68 26.60
N TYR A 208 28.98 -18.78 25.72
CA TYR A 208 28.40 -17.50 26.11
C TYR A 208 27.14 -17.65 26.95
N THR A 209 26.28 -18.58 26.59
CA THR A 209 25.06 -18.81 27.32
C THR A 209 25.31 -19.69 28.54
N ARG A 210 26.57 -20.03 28.76
CA ARG A 210 26.91 -20.88 29.89
C ARG A 210 26.30 -22.29 29.84
N GLY A 211 26.23 -22.87 28.64
CA GLY A 211 25.69 -24.22 28.50
C GLY A 211 24.18 -24.28 28.49
N GLU A 212 23.56 -23.11 28.66
CA GLU A 212 22.11 -22.99 28.68
C GLU A 212 21.53 -23.23 27.31
N LEU A 213 22.13 -22.61 26.30
CA LEU A 213 21.67 -22.76 24.92
C LEU A 213 22.75 -23.06 23.91
N LEU A 214 22.30 -23.58 22.78
CA LEU A 214 23.16 -23.93 21.68
C LEU A 214 22.44 -23.60 20.37
N VAL A 215 23.09 -22.87 19.47
CA VAL A 215 22.48 -22.54 18.17
C VAL A 215 23.04 -23.49 17.13
N LEU A 216 22.17 -24.30 16.54
CA LEU A 216 22.59 -25.25 15.54
C LEU A 216 21.81 -24.98 14.26
N ASP A 217 21.90 -25.89 13.30
CA ASP A 217 21.21 -25.75 12.01
C ASP A 217 21.66 -24.47 11.36
N LEU A 218 22.95 -24.19 11.47
CA LEU A 218 23.51 -23.00 10.85
C LEU A 218 23.52 -23.19 9.35
N GLN A 219 22.64 -22.48 8.67
CA GLN A 219 22.52 -22.58 7.23
C GLN A 219 22.14 -21.23 6.63
N GLY A 220 22.37 -21.08 5.33
CA GLY A 220 22.02 -19.84 4.67
C GLY A 220 23.02 -19.50 3.58
N VAL A 221 23.11 -18.22 3.23
CA VAL A 221 24.02 -17.80 2.20
C VAL A 221 25.12 -16.88 2.77
N GLY A 222 26.37 -17.31 2.69
CA GLY A 222 27.47 -16.51 3.22
C GLY A 222 27.39 -16.35 4.72
N GLU A 223 27.53 -15.11 5.20
CA GLU A 223 27.43 -14.86 6.63
C GLU A 223 25.97 -14.64 7.01
N ASN A 224 25.10 -14.58 6.00
CA ASN A 224 23.68 -14.39 6.21
C ASN A 224 22.95 -15.72 6.38
N LEU A 225 22.69 -16.10 7.61
CA LEU A 225 22.04 -17.36 7.86
C LEU A 225 20.53 -17.26 7.87
N THR A 226 19.91 -18.34 8.34
CA THR A 226 18.47 -18.42 8.44
C THR A 226 18.01 -19.78 8.94
N ASP A 227 16.73 -19.85 9.31
CA ASP A 227 16.10 -21.07 9.80
C ASP A 227 16.95 -21.87 10.78
N PRO A 228 17.39 -21.23 11.86
CA PRO A 228 18.21 -21.91 12.85
C PRO A 228 17.39 -22.82 13.73
N SER A 229 18.10 -23.53 14.60
CA SER A 229 17.52 -24.45 15.57
C SER A 229 18.24 -24.10 16.89
N VAL A 230 17.49 -23.64 17.89
CA VAL A 230 18.07 -23.27 19.19
C VAL A 230 17.70 -24.29 20.29
N ILE A 231 18.72 -24.95 20.83
CA ILE A 231 18.54 -26.00 21.84
C ILE A 231 18.63 -25.49 23.27
N LYS A 232 17.74 -26.00 24.12
CA LYS A 232 17.73 -25.63 25.53
C LYS A 232 18.13 -26.84 26.37
N ALA A 233 19.16 -26.66 27.19
CA ALA A 233 19.66 -27.73 28.05
C ALA A 233 18.76 -27.97 29.29
N GLU A 234 18.53 -29.22 29.64
CA GLU A 234 17.71 -29.56 30.81
C GLU A 234 18.55 -30.01 32.01
N GLU A 250 18.99 -31.06 25.47
CA GLU A 250 20.21 -31.35 26.25
C GLU A 250 20.76 -32.71 25.85
N ASP A 251 20.04 -33.36 24.94
CA ASP A 251 20.45 -34.66 24.41
C ASP A 251 21.16 -34.36 23.11
N ALA A 252 20.62 -33.39 22.35
CA ALA A 252 21.23 -32.96 21.10
C ALA A 252 22.49 -32.22 21.51
N ILE A 253 22.42 -31.58 22.68
CA ILE A 253 23.56 -30.85 23.20
C ILE A 253 24.68 -31.87 23.40
N LYS A 254 24.29 -33.11 23.68
CA LYS A 254 25.26 -34.19 23.90
C LYS A 254 26.11 -34.39 22.65
N ASN A 255 25.45 -34.64 21.53
CA ASN A 255 26.13 -34.85 20.26
C ASN A 255 27.17 -33.77 19.92
N PHE A 256 26.72 -32.52 19.86
CA PHE A 256 27.62 -31.43 19.53
C PHE A 256 28.86 -31.42 20.43
N ARG A 257 28.68 -31.82 21.68
CA ARG A 257 29.81 -31.83 22.61
C ARG A 257 30.81 -32.89 22.18
N ALA A 258 30.28 -34.01 21.73
CA ALA A 258 31.07 -35.15 21.25
C ALA A 258 31.62 -34.93 19.85
N LYS A 259 30.76 -34.50 18.94
CA LYS A 259 31.12 -34.30 17.55
C LYS A 259 31.84 -33.01 17.11
N HIS A 260 31.56 -31.88 17.73
CA HIS A 260 32.20 -30.62 17.32
C HIS A 260 33.72 -30.59 17.43
N HIS A 261 34.39 -30.29 16.33
CA HIS A 261 35.85 -30.20 16.33
C HIS A 261 36.20 -28.75 16.25
N CYS A 262 36.95 -28.28 17.23
CA CYS A 262 37.32 -26.89 17.26
C CYS A 262 38.29 -26.61 16.13
N ASN A 263 38.16 -25.44 15.53
CA ASN A 263 39.01 -25.02 14.44
C ASN A 263 39.84 -23.87 14.96
N SER A 264 40.63 -23.27 14.08
CA SER A 264 41.48 -22.15 14.47
C SER A 264 40.64 -20.99 15.01
N CYS A 265 39.37 -20.95 14.61
CA CYS A 265 38.49 -19.89 15.06
C CYS A 265 38.11 -20.09 16.49
N CYS A 266 37.62 -21.28 16.83
CA CYS A 266 37.27 -21.57 18.22
C CYS A 266 38.43 -21.04 19.09
N ARG A 267 39.67 -21.26 18.62
CA ARG A 267 40.84 -20.78 19.34
C ARG A 267 40.92 -19.25 19.36
N LYS A 268 40.76 -18.62 18.20
CA LYS A 268 40.81 -17.17 18.13
C LYS A 268 39.81 -16.56 19.13
N LEU A 269 38.74 -17.30 19.42
CA LEU A 269 37.70 -16.86 20.35
C LEU A 269 37.89 -17.44 21.74
N LYS A 270 38.97 -18.19 21.91
CA LYS A 270 39.26 -18.79 23.21
C LYS A 270 38.12 -19.65 23.70
N LEU A 271 37.62 -20.54 22.86
CA LEU A 271 36.51 -21.39 23.26
C LEU A 271 36.97 -22.73 23.83
N PRO A 272 36.87 -22.89 25.14
CA PRO A 272 37.27 -24.12 25.84
C PRO A 272 36.82 -25.38 25.11
N ASP A 273 37.55 -26.47 25.32
CA ASP A 273 37.22 -27.72 24.66
C ASP A 273 35.93 -28.37 25.15
N LEU A 274 34.89 -28.24 24.34
CA LEU A 274 33.58 -28.77 24.66
C LEU A 274 33.55 -30.10 25.38
N LYS A 275 34.51 -30.98 25.08
CA LYS A 275 34.54 -32.29 25.71
C LYS A 275 35.36 -32.19 26.99
N ARG A 276 34.72 -31.75 28.07
CA ARG A 276 35.41 -31.58 29.34
C ARG A 276 34.44 -31.78 30.49
N ASN A 277 34.95 -31.58 31.71
CA ASN A 277 34.15 -31.71 32.92
C ASN A 277 33.49 -30.39 33.31
N ASP A 278 32.20 -30.45 33.62
CA ASP A 278 31.43 -29.27 34.00
C ASP A 278 31.63 -28.79 35.45
N TYR A 279 32.37 -29.55 36.25
CA TYR A 279 32.60 -29.19 37.64
C TYR A 279 34.07 -29.02 38.05
N THR A 280 34.91 -28.73 37.05
CA THR A 280 36.35 -28.53 37.24
C THR A 280 36.88 -27.51 36.22
N TYR B 3 33.73 -14.04 30.11
CA TYR B 3 32.63 -13.23 29.51
C TYR B 3 31.39 -14.08 29.19
N TYR B 4 30.23 -13.66 29.70
CA TYR B 4 28.96 -14.35 29.49
C TYR B 4 27.81 -13.35 29.29
N TYR B 5 26.60 -13.87 29.14
CA TYR B 5 25.49 -12.98 28.96
C TYR B 5 24.93 -12.40 30.24
N SER B 6 24.77 -11.09 30.25
CA SER B 6 24.23 -10.34 31.37
C SER B 6 22.87 -10.91 31.73
N ALA B 7 22.34 -10.51 32.88
CA ALA B 7 21.04 -10.97 33.35
C ALA B 7 19.97 -10.46 32.39
N VAL B 8 20.21 -9.26 31.88
CA VAL B 8 19.33 -8.59 30.92
C VAL B 8 19.21 -9.50 29.70
N GLU B 9 20.36 -9.87 29.16
CA GLU B 9 20.43 -10.74 28.01
C GLU B 9 19.76 -12.07 28.31
N ARG B 10 20.36 -12.82 29.24
CA ARG B 10 19.86 -14.14 29.63
C ARG B 10 18.34 -14.14 29.74
N ASN B 11 17.83 -13.05 30.29
CA ASN B 11 16.40 -12.86 30.50
C ASN B 11 15.58 -12.72 29.23
N ASN B 12 16.00 -11.82 28.36
CA ASN B 12 15.31 -11.58 27.11
C ASN B 12 15.29 -12.82 26.23
N LEU B 13 16.35 -13.62 26.33
CA LEU B 13 16.45 -14.84 25.55
C LEU B 13 15.54 -15.93 26.10
N MET B 14 15.53 -16.09 27.43
CA MET B 14 14.69 -17.10 28.03
C MET B 14 13.21 -16.78 27.72
N ARG B 15 12.93 -15.49 27.61
CA ARG B 15 11.59 -15.00 27.31
C ARG B 15 11.07 -15.59 26.01
N LEU B 16 11.86 -15.42 24.95
CA LEU B 16 11.52 -15.91 23.62
C LEU B 16 11.21 -17.39 23.58
N SER B 17 11.89 -18.14 24.45
CA SER B 17 11.72 -19.59 24.54
C SER B 17 10.31 -20.00 24.93
N GLN B 18 9.59 -19.10 25.58
CA GLN B 18 8.24 -19.41 25.97
C GLN B 18 7.29 -18.53 25.19
N SER B 19 6.09 -19.03 24.96
CA SER B 19 5.10 -18.30 24.21
C SER B 19 4.80 -16.95 24.82
N ILE B 20 4.98 -15.91 24.00
CA ILE B 20 4.71 -14.53 24.41
C ILE B 20 3.29 -14.28 23.90
N PRO B 21 2.56 -13.36 24.55
CA PRO B 21 1.18 -13.05 24.14
C PRO B 21 1.00 -12.48 22.74
N PHE B 22 -0.10 -12.87 22.09
CA PHE B 22 -0.42 -12.36 20.75
C PHE B 22 -1.91 -12.06 20.58
N VAL B 23 -2.24 -10.78 20.74
CA VAL B 23 -3.61 -10.29 20.63
C VAL B 23 -3.76 -9.28 19.47
N PRO B 24 -4.08 -9.79 18.27
CA PRO B 24 -4.26 -8.95 17.09
C PRO B 24 -5.52 -8.07 17.11
N VAL B 25 -5.33 -6.76 16.97
CA VAL B 25 -6.46 -5.84 16.93
C VAL B 25 -7.28 -6.35 15.73
N PRO B 26 -8.60 -6.24 15.81
CA PRO B 26 -9.48 -6.70 14.73
C PRO B 26 -9.62 -5.77 13.51
N PRO B 27 -10.09 -6.32 12.38
CA PRO B 27 -10.31 -5.63 11.10
C PRO B 27 -11.01 -4.26 11.14
N ARG B 28 -10.21 -3.20 11.27
CA ARG B 28 -10.72 -1.83 11.30
C ARG B 28 -11.06 -1.36 9.88
N GLY B 29 -12.21 -1.78 9.33
CA GLY B 29 -12.57 -1.33 8.00
C GLY B 29 -13.29 -2.29 7.05
N GLU B 30 -13.46 -1.84 5.81
CA GLU B 30 -14.12 -2.61 4.74
C GLU B 30 -13.23 -2.72 3.49
N PRO B 31 -13.13 -3.93 2.92
CA PRO B 31 -12.30 -4.19 1.72
C PRO B 31 -12.90 -3.62 0.45
N VAL B 32 -12.04 -2.95 -0.34
CA VAL B 32 -12.49 -2.34 -1.59
C VAL B 32 -11.41 -2.27 -2.68
N THR B 33 -11.86 -2.30 -3.94
CA THR B 33 -10.98 -2.21 -5.11
C THR B 33 -11.33 -0.93 -5.90
N VAL B 34 -10.30 -0.27 -6.43
CA VAL B 34 -10.53 0.98 -7.12
C VAL B 34 -9.84 1.11 -8.47
N TYR B 35 -10.57 1.60 -9.48
CA TYR B 35 -10.01 1.83 -10.82
C TYR B 35 -9.96 3.33 -11.09
N ARG B 36 -8.97 3.74 -11.90
CA ARG B 36 -8.79 5.14 -12.22
C ARG B 36 -8.82 5.40 -13.73
N LEU B 37 -9.14 6.64 -14.10
CA LEU B 37 -9.15 7.01 -15.52
C LEU B 37 -7.74 7.55 -15.74
N GLU B 38 -6.96 6.82 -16.55
CA GLU B 38 -5.59 7.21 -16.83
C GLU B 38 -5.49 8.17 -18.02
N GLU B 39 -4.49 9.05 -17.96
CA GLU B 39 -4.25 10.06 -18.99
C GLU B 39 -2.91 9.78 -19.70
N SER B 40 -2.87 9.93 -21.03
CA SER B 40 -1.62 9.70 -21.77
C SER B 40 -0.53 10.51 -21.08
N SER B 41 -0.53 11.82 -21.31
CA SER B 41 0.45 12.71 -20.68
C SER B 41 -0.31 13.71 -19.81
N PRO B 42 -0.36 13.45 -18.49
CA PRO B 42 -1.05 14.30 -17.50
C PRO B 42 -0.38 15.65 -17.36
N SER B 43 0.88 15.68 -17.73
CA SER B 43 1.68 16.90 -17.70
C SER B 43 0.93 17.98 -18.50
N ILE B 44 0.25 17.54 -19.56
CA ILE B 44 -0.55 18.41 -20.41
C ILE B 44 -1.93 17.78 -20.56
N LEU B 45 -2.74 17.96 -19.53
CA LEU B 45 -4.08 17.43 -19.46
C LEU B 45 -4.95 17.58 -20.69
N ASN B 46 -5.18 18.83 -21.10
CA ASN B 46 -6.04 19.15 -22.26
C ASN B 46 -5.69 18.39 -23.52
N ASN B 47 -4.39 18.22 -23.71
CA ASN B 47 -3.86 17.48 -24.84
C ASN B 47 -3.43 16.15 -24.25
N SER B 48 -4.34 15.18 -24.21
CA SER B 48 -4.05 13.87 -23.66
C SER B 48 -5.25 12.98 -23.87
N MET B 49 -5.00 11.68 -24.02
CA MET B 49 -6.08 10.74 -24.23
C MET B 49 -6.41 10.06 -22.92
N SER B 50 -7.70 9.95 -22.65
CA SER B 50 -8.16 9.34 -21.41
C SER B 50 -8.51 7.87 -21.65
N SER B 51 -7.75 6.97 -21.02
CA SER B 51 -8.00 5.54 -21.13
C SER B 51 -8.24 4.98 -19.73
N TRP B 52 -9.25 4.13 -19.59
CA TRP B 52 -9.55 3.54 -18.28
C TRP B 52 -8.44 2.57 -17.86
N SER B 53 -8.47 2.16 -16.59
CA SER B 53 -7.46 1.23 -16.11
C SER B 53 -8.07 -0.14 -16.13
N GLN B 54 -7.24 -1.14 -16.34
CA GLN B 54 -7.72 -2.51 -16.39
C GLN B 54 -7.46 -3.20 -15.07
N LEU B 55 -6.33 -2.86 -14.45
CA LEU B 55 -5.97 -3.49 -13.20
C LEU B 55 -6.31 -2.70 -11.94
N GLY B 56 -7.30 -3.18 -11.21
CA GLY B 56 -7.72 -2.51 -9.99
C GLY B 56 -6.81 -2.67 -8.79
N LEU B 57 -6.67 -1.58 -8.02
CA LEU B 57 -5.84 -1.55 -6.82
C LEU B 57 -6.70 -1.90 -5.61
N CYS B 58 -6.15 -2.74 -4.74
CA CYS B 58 -6.87 -3.13 -3.54
C CYS B 58 -6.69 -1.99 -2.55
N ALA B 59 -7.74 -1.69 -1.80
CA ALA B 59 -7.67 -0.64 -0.81
C ALA B 59 -8.67 -0.96 0.30
N LYS B 60 -8.61 -0.19 1.37
CA LYS B 60 -9.52 -0.38 2.50
C LYS B 60 -10.08 0.93 3.01
N ILE B 61 -11.40 0.96 3.19
CA ILE B 61 -12.04 2.16 3.69
C ILE B 61 -13.03 1.88 4.82
N GLU B 62 -12.82 2.61 5.91
CA GLU B 62 -13.66 2.53 7.09
C GLU B 62 -14.96 3.32 6.85
N PHE B 63 -16.09 2.64 6.96
CA PHE B 63 -17.40 3.27 6.75
C PHE B 63 -17.81 4.11 7.95
N LEU B 64 -17.35 5.36 7.92
CA LEU B 64 -17.59 6.31 8.98
C LEU B 64 -19.08 6.54 9.37
N SER B 65 -19.73 7.50 8.69
CA SER B 65 -21.11 7.87 9.00
C SER B 65 -22.18 6.95 8.43
N LYS B 66 -23.39 7.11 8.96
CA LYS B 66 -24.54 6.33 8.53
C LYS B 66 -25.44 7.26 7.70
N GLU B 67 -24.91 8.45 7.40
CA GLU B 67 -25.60 9.48 6.64
C GLU B 67 -25.39 9.40 5.13
N GLU B 68 -26.50 9.39 4.38
CA GLU B 68 -26.47 9.36 2.92
C GLU B 68 -27.10 10.63 2.36
N MET B 69 -26.29 11.69 2.28
CA MET B 69 -26.71 13.00 1.79
C MET B 69 -26.95 13.15 0.29
N GLY B 70 -28.16 13.56 -0.11
CA GLY B 70 -28.45 13.73 -1.52
C GLY B 70 -29.30 14.93 -1.86
N ARG B 74 -29.45 10.22 -5.95
CA ARG B 74 -28.02 10.06 -6.11
C ARG B 74 -27.26 10.64 -4.90
N ARG B 75 -27.35 9.95 -3.76
CA ARG B 75 -26.69 10.39 -2.52
C ARG B 75 -25.18 10.08 -2.48
N ALA B 76 -24.56 10.36 -1.33
CA ALA B 76 -23.13 10.13 -1.10
C ALA B 76 -22.83 9.92 0.39
N VAL B 77 -21.79 9.15 0.67
CA VAL B 77 -21.40 8.86 2.05
C VAL B 77 -19.97 9.30 2.30
N LYS B 78 -19.64 9.55 3.56
CA LYS B 78 -18.30 9.95 3.92
C LYS B 78 -17.64 8.71 4.51
N VAL B 79 -16.44 8.41 4.03
CA VAL B 79 -15.72 7.24 4.50
C VAL B 79 -14.28 7.65 4.69
N LEU B 80 -13.55 6.86 5.46
CA LEU B 80 -12.15 7.14 5.71
C LEU B 80 -11.28 6.09 5.03
N CYS B 81 -10.22 6.56 4.40
CA CYS B 81 -9.29 5.67 3.72
C CYS B 81 -8.18 5.27 4.69
N THR B 82 -8.23 4.02 5.13
CA THR B 82 -7.23 3.48 6.04
C THR B 82 -5.94 3.32 5.23
N TRP B 83 -5.94 2.35 4.31
CA TRP B 83 -4.78 2.12 3.45
C TRP B 83 -5.20 2.04 1.99
N SER B 84 -4.35 2.57 1.14
CA SER B 84 -4.58 2.57 -0.29
C SER B 84 -3.37 1.99 -1.01
N GLU B 85 -3.65 1.05 -1.92
CA GLU B 85 -2.60 0.38 -2.70
C GLU B 85 -1.81 1.35 -3.56
N HIS B 86 -0.52 1.47 -3.28
CA HIS B 86 0.34 2.38 -4.02
C HIS B 86 -0.03 3.81 -3.70
N ASP B 87 -0.94 3.97 -2.74
CA ASP B 87 -1.43 5.27 -2.30
C ASP B 87 -2.23 6.06 -3.32
N ILE B 88 -3.14 5.36 -4.02
CA ILE B 88 -3.98 6.03 -5.01
C ILE B 88 -4.81 7.03 -4.22
N LEU B 89 -5.44 6.55 -3.17
CA LEU B 89 -6.23 7.41 -2.30
C LEU B 89 -5.29 7.80 -1.16
N LYS B 90 -5.60 8.89 -0.48
CA LYS B 90 -4.75 9.36 0.61
C LYS B 90 -4.95 8.56 1.89
N SER B 91 -4.03 7.62 2.14
CA SER B 91 -4.08 6.79 3.35
C SER B 91 -4.00 7.75 4.53
N GLY B 92 -5.17 8.06 5.09
CA GLY B 92 -5.22 8.97 6.22
C GLY B 92 -6.04 10.23 5.98
N HIS B 93 -6.92 10.21 4.98
CA HIS B 93 -7.77 11.36 4.68
C HIS B 93 -9.21 10.93 4.40
N LEU B 94 -10.12 11.91 4.28
CA LEU B 94 -11.55 11.65 4.07
C LEU B 94 -12.11 11.71 2.65
N TYR B 95 -12.84 10.68 2.25
CA TYR B 95 -13.40 10.62 0.90
C TYR B 95 -14.92 10.52 0.85
N ILE B 96 -15.46 10.92 -0.29
CA ILE B 96 -16.90 10.87 -0.51
C ILE B 96 -17.15 9.75 -1.51
N ILE B 97 -18.16 8.94 -1.22
CA ILE B 97 -18.56 7.84 -2.09
C ILE B 97 -19.88 8.28 -2.69
N LYS B 98 -19.94 8.39 -4.01
CA LYS B 98 -21.18 8.82 -4.64
C LYS B 98 -21.81 7.67 -5.41
N SER B 99 -23.12 7.71 -5.56
CA SER B 99 -23.83 6.69 -6.31
C SER B 99 -25.19 7.24 -6.70
N PHE B 100 -25.83 6.58 -7.66
CA PHE B 100 -27.12 7.03 -8.13
C PHE B 100 -28.27 6.20 -7.60
N LEU B 101 -29.47 6.72 -7.80
CA LEU B 101 -30.70 6.08 -7.36
C LEU B 101 -31.10 4.92 -8.30
N PRO B 102 -31.56 3.78 -7.73
CA PRO B 102 -31.97 2.63 -8.54
C PRO B 102 -33.08 2.92 -9.57
N GLU B 103 -33.69 4.10 -9.44
CA GLU B 103 -34.75 4.52 -10.36
C GLU B 103 -34.18 5.33 -11.53
N VAL B 104 -33.25 6.23 -11.23
CA VAL B 104 -32.63 7.03 -12.27
C VAL B 104 -31.79 6.08 -13.09
N ILE B 105 -31.72 4.84 -12.61
CA ILE B 105 -30.99 3.76 -13.24
C ILE B 105 -31.95 2.93 -14.11
N ASN B 106 -33.16 2.73 -13.60
CA ASN B 106 -34.14 1.96 -14.36
C ASN B 106 -34.50 2.72 -15.62
N THR B 107 -34.17 4.02 -15.63
CA THR B 107 -34.44 4.87 -16.78
C THR B 107 -33.42 4.63 -17.91
N TRP B 108 -33.05 3.37 -18.13
CA TRP B 108 -32.09 3.02 -19.17
C TRP B 108 -32.31 1.64 -19.80
N LYS B 113 -30.17 1.67 -21.56
CA LYS B 113 -28.90 1.03 -21.21
C LYS B 113 -29.08 0.18 -19.94
N GLU B 114 -28.66 -1.09 -19.99
CA GLU B 114 -28.78 -2.00 -18.84
C GLU B 114 -27.45 -2.10 -18.07
N ASP B 115 -27.49 -2.58 -16.82
CA ASP B 115 -26.28 -2.70 -15.97
C ASP B 115 -25.78 -1.30 -15.74
N THR B 116 -26.74 -0.39 -15.82
CA THR B 116 -26.51 1.02 -15.73
C THR B 116 -25.50 1.54 -14.71
N VAL B 117 -25.76 1.25 -13.44
CA VAL B 117 -24.88 1.73 -12.38
C VAL B 117 -23.40 1.89 -12.78
N LEU B 118 -22.74 0.79 -13.14
CA LEU B 118 -21.34 0.85 -13.53
C LEU B 118 -21.07 1.91 -14.58
N HIS B 119 -21.82 1.87 -15.68
CA HIS B 119 -21.65 2.84 -16.76
C HIS B 119 -21.81 4.26 -16.22
N LEU B 120 -22.97 4.53 -15.65
CA LEU B 120 -23.25 5.84 -15.08
C LEU B 120 -22.04 6.43 -14.36
N CYS B 121 -21.35 5.60 -13.59
CA CYS B 121 -20.19 6.05 -12.83
C CYS B 121 -19.01 6.41 -13.74
N LEU B 122 -18.75 5.58 -14.74
CA LEU B 122 -17.66 5.83 -15.67
C LEU B 122 -17.92 7.13 -16.42
N ARG B 123 -19.20 7.38 -16.70
CA ARG B 123 -19.61 8.58 -17.41
C ARG B 123 -19.38 9.83 -16.56
N GLU B 124 -19.81 9.79 -15.29
CA GLU B 124 -19.66 10.91 -14.39
C GLU B 124 -18.18 11.22 -14.15
N ILE B 125 -17.38 10.17 -14.05
CA ILE B 125 -15.97 10.36 -13.82
C ILE B 125 -15.36 10.99 -15.06
N GLN B 126 -15.92 10.63 -16.21
CA GLN B 126 -15.45 11.13 -17.50
C GLN B 126 -15.90 12.58 -17.67
N GLN B 127 -17.18 12.83 -17.40
CA GLN B 127 -17.73 14.18 -17.48
C GLN B 127 -16.82 15.08 -16.63
N GLN B 128 -16.52 14.65 -15.41
CA GLN B 128 -15.67 15.46 -14.55
C GLN B 128 -14.29 15.63 -15.12
N ARG B 129 -13.77 14.61 -15.79
CA ARG B 129 -12.44 14.73 -16.36
C ARG B 129 -12.48 15.75 -17.49
N ALA B 130 -13.61 15.81 -18.17
CA ALA B 130 -13.78 16.75 -19.27
C ALA B 130 -13.67 18.16 -18.73
N ALA B 131 -14.31 18.39 -17.59
CA ALA B 131 -14.29 19.70 -16.94
C ALA B 131 -12.85 20.07 -16.59
N GLN B 132 -12.13 19.08 -16.04
CA GLN B 132 -10.72 19.22 -15.63
C GLN B 132 -9.83 19.65 -16.79
N LYS B 133 -10.08 19.07 -17.96
CA LYS B 133 -9.31 19.38 -19.16
C LYS B 133 -9.53 20.85 -19.51
N LEU B 134 -10.79 21.25 -19.49
CA LEU B 134 -11.15 22.62 -19.79
C LEU B 134 -10.47 23.50 -18.76
N THR B 135 -10.62 23.12 -17.50
CA THR B 135 -10.02 23.87 -16.41
C THR B 135 -8.53 23.99 -16.67
N PHE B 136 -7.86 22.87 -16.92
CA PHE B 136 -6.43 22.93 -17.16
C PHE B 136 -6.11 23.86 -18.33
N ALA B 137 -6.91 23.78 -19.38
CA ALA B 137 -6.70 24.61 -20.55
C ALA B 137 -6.94 26.06 -20.16
N PHE B 138 -8.05 26.28 -19.45
CA PHE B 138 -8.42 27.62 -19.00
C PHE B 138 -7.34 28.27 -18.16
N ASN B 139 -6.81 27.56 -17.16
CA ASN B 139 -5.76 28.10 -16.30
C ASN B 139 -4.46 28.20 -17.05
N GLN B 140 -4.26 27.32 -18.03
CA GLN B 140 -3.03 27.31 -18.81
C GLN B 140 -2.82 28.52 -19.73
N MET B 141 -3.91 29.16 -20.15
CA MET B 141 -3.80 30.33 -21.04
C MET B 141 -4.69 31.50 -20.59
N LYS B 142 -4.59 31.84 -19.32
CA LYS B 142 -5.37 32.94 -18.75
C LYS B 142 -4.48 34.03 -18.21
N PRO B 143 -4.69 35.28 -18.66
CA PRO B 143 -3.92 36.45 -18.22
C PRO B 143 -3.53 36.38 -16.75
N LYS B 144 -2.24 36.60 -16.48
CA LYS B 144 -1.67 36.58 -15.12
C LYS B 144 -2.34 37.60 -14.20
N SER B 145 -3.31 38.33 -14.76
CA SER B 145 -4.06 39.33 -14.00
C SER B 145 -5.00 38.57 -13.08
N ILE B 146 -5.62 37.52 -13.63
CA ILE B 146 -6.55 36.66 -12.91
C ILE B 146 -5.84 35.81 -11.85
N PRO B 147 -6.01 36.15 -10.56
CA PRO B 147 -5.42 35.48 -9.39
C PRO B 147 -5.88 34.04 -9.13
N TYR B 148 -7.19 33.86 -8.96
CA TYR B 148 -7.73 32.54 -8.68
C TYR B 148 -7.82 31.65 -9.93
N SER B 149 -7.58 30.36 -9.72
CA SER B 149 -7.64 29.36 -10.78
C SER B 149 -8.61 28.28 -10.30
N PRO B 150 -9.73 28.10 -11.00
CA PRO B 150 -10.68 27.07 -10.58
C PRO B 150 -10.08 25.69 -10.79
N ARG B 151 -10.47 24.70 -9.97
CA ARG B 151 -9.94 23.35 -10.15
C ARG B 151 -10.86 22.26 -9.66
N PHE B 152 -10.84 21.12 -10.35
CA PHE B 152 -11.65 19.97 -9.98
C PHE B 152 -10.72 18.89 -9.47
N LEU B 153 -11.17 18.12 -8.49
CA LEU B 153 -10.33 17.06 -7.95
C LEU B 153 -10.56 15.82 -8.81
N GLU B 154 -9.61 14.90 -8.80
CA GLU B 154 -9.77 13.67 -9.58
C GLU B 154 -10.81 12.75 -8.92
N VAL B 155 -11.60 12.08 -9.74
CA VAL B 155 -12.63 11.16 -9.22
C VAL B 155 -12.23 9.73 -9.60
N PHE B 156 -12.38 8.78 -8.69
CA PHE B 156 -12.00 7.42 -8.99
C PHE B 156 -13.18 6.49 -9.02
N LEU B 157 -13.05 5.39 -9.75
CA LEU B 157 -14.11 4.40 -9.77
C LEU B 157 -13.79 3.50 -8.59
N LEU B 158 -14.81 3.07 -7.86
CA LEU B 158 -14.50 2.22 -6.75
C LEU B 158 -15.51 1.09 -6.76
N TYR B 159 -15.09 -0.05 -6.23
CA TYR B 159 -15.97 -1.21 -6.19
C TYR B 159 -16.01 -1.81 -4.80
N CYS B 160 -17.19 -1.78 -4.18
CA CYS B 160 -17.34 -2.35 -2.87
C CYS B 160 -17.67 -3.83 -3.02
N HIS B 161 -17.02 -4.66 -2.21
CA HIS B 161 -17.22 -6.11 -2.26
C HIS B 161 -18.36 -6.55 -1.37
N SER B 162 -18.27 -6.19 -0.10
CA SER B 162 -19.31 -6.55 0.83
C SER B 162 -20.67 -6.07 0.33
N ALA B 163 -20.78 -4.77 0.03
CA ALA B 163 -22.04 -4.21 -0.50
C ALA B 163 -22.24 -4.66 -1.95
N GLY B 164 -21.12 -4.98 -2.60
CA GLY B 164 -21.13 -5.43 -3.99
C GLY B 164 -21.72 -4.44 -4.98
N GLN B 165 -21.12 -3.25 -5.08
CA GLN B 165 -21.66 -2.23 -5.95
C GLN B 165 -20.58 -1.24 -6.35
N TRP B 166 -20.79 -0.53 -7.46
CA TRP B 166 -19.83 0.44 -7.97
C TRP B 166 -20.11 1.88 -7.54
N PHE B 167 -19.09 2.60 -7.11
CA PHE B 167 -19.26 3.98 -6.72
C PHE B 167 -18.17 4.89 -7.30
N ALA B 168 -18.41 6.19 -7.31
CA ALA B 168 -17.41 7.12 -7.76
C ALA B 168 -16.89 7.72 -6.46
N VAL B 169 -15.57 7.79 -6.29
CA VAL B 169 -14.99 8.34 -5.07
C VAL B 169 -14.23 9.63 -5.35
N GLU B 170 -14.29 10.57 -4.44
CA GLU B 170 -13.59 11.82 -4.66
C GLU B 170 -13.03 12.34 -3.35
N GLU B 171 -11.95 13.11 -3.44
CA GLU B 171 -11.35 13.70 -2.27
C GLU B 171 -12.41 14.63 -1.70
N CYS B 172 -12.90 14.31 -0.51
CA CYS B 172 -13.92 15.11 0.16
C CYS B 172 -13.32 16.39 0.76
N MET B 173 -13.92 17.54 0.44
CA MET B 173 -13.42 18.82 0.96
C MET B 173 -14.32 19.37 2.08
N THR B 174 -13.72 20.10 3.00
CA THR B 174 -14.43 20.71 4.14
C THR B 174 -14.13 22.21 4.11
N GLY B 175 -15.19 23.01 4.13
CA GLY B 175 -15.01 24.45 4.10
C GLY B 175 -16.28 25.16 3.66
N GLU B 176 -16.12 26.37 3.11
CA GLU B 176 -17.27 27.14 2.66
C GLU B 176 -17.77 26.72 1.28
N PHE B 177 -18.82 25.92 1.27
CA PHE B 177 -19.43 25.41 0.06
C PHE B 177 -20.56 26.27 -0.47
N ARG B 178 -20.42 26.72 -1.71
CA ARG B 178 -21.46 27.55 -2.32
C ARG B 178 -21.66 27.18 -3.78
N LYS B 179 -22.81 27.52 -4.33
CA LYS B 179 -23.14 27.26 -5.73
C LYS B 179 -23.00 28.53 -6.56
N TYR B 180 -22.10 28.52 -7.54
CA TYR B 180 -21.89 29.69 -8.37
C TYR B 180 -22.91 29.79 -9.50
N ASN B 181 -23.46 28.65 -9.92
CA ASN B 181 -24.50 28.61 -10.95
C ASN B 181 -25.00 27.19 -11.17
N ASN B 182 -26.04 27.01 -11.99
CA ASN B 182 -26.60 25.69 -12.22
C ASN B 182 -26.91 25.36 -13.69
N ASN B 183 -27.18 24.08 -13.94
CA ASN B 183 -27.49 23.58 -15.27
C ASN B 183 -28.79 24.12 -15.85
N ASN B 184 -29.34 25.14 -15.20
CA ASN B 184 -30.58 25.73 -15.68
C ASN B 184 -30.24 27.01 -16.41
N GLY B 185 -29.00 27.46 -16.22
CA GLY B 185 -28.52 28.68 -16.84
C GLY B 185 -28.46 29.79 -15.83
N ASP B 186 -29.16 29.59 -14.72
CA ASP B 186 -29.24 30.56 -13.63
C ASP B 186 -27.89 30.73 -12.93
N GLU B 187 -27.45 31.98 -12.78
CA GLU B 187 -26.17 32.26 -12.12
C GLU B 187 -26.37 33.22 -10.95
N ILE B 188 -25.36 33.36 -10.10
CA ILE B 188 -25.45 34.27 -8.96
C ILE B 188 -24.78 35.58 -9.33
N ILE B 189 -25.03 36.62 -8.53
CA ILE B 189 -24.41 37.91 -8.78
C ILE B 189 -23.15 37.85 -7.93
N PRO B 190 -21.98 37.82 -8.57
CA PRO B 190 -20.73 37.75 -7.80
C PRO B 190 -20.49 38.95 -6.92
N THR B 191 -19.68 38.71 -5.91
CA THR B 191 -19.29 39.74 -4.97
C THR B 191 -17.76 39.76 -5.08
N ASN B 192 -17.10 38.83 -4.38
CA ASN B 192 -15.66 38.73 -4.41
C ASN B 192 -15.24 38.38 -5.82
N THR B 193 -13.96 38.58 -6.09
CA THR B 193 -13.40 38.28 -7.41
C THR B 193 -13.43 36.77 -7.65
N LEU B 194 -13.28 35.99 -6.59
CA LEU B 194 -13.30 34.55 -6.72
C LEU B 194 -14.60 34.19 -7.43
N GLU B 195 -15.69 34.76 -6.93
CA GLU B 195 -17.00 34.53 -7.51
C GLU B 195 -17.08 34.94 -8.98
N GLU B 196 -16.44 36.04 -9.33
CA GLU B 196 -16.47 36.48 -10.72
C GLU B 196 -15.81 35.50 -11.65
N ILE B 197 -14.57 35.12 -11.33
CA ILE B 197 -13.82 34.18 -12.15
C ILE B 197 -14.64 32.92 -12.43
N MET B 198 -15.18 32.33 -11.38
CA MET B 198 -15.96 31.12 -11.54
C MET B 198 -17.02 31.33 -12.59
N LEU B 199 -17.81 32.37 -12.42
CA LEU B 199 -18.88 32.66 -13.35
C LEU B 199 -18.42 32.96 -14.78
N ALA B 200 -17.23 33.54 -14.90
CA ALA B 200 -16.65 33.87 -16.20
C ALA B 200 -16.18 32.58 -16.86
N PHE B 201 -15.64 31.68 -16.05
CA PHE B 201 -15.15 30.41 -16.58
C PHE B 201 -16.23 29.72 -17.43
N SER B 202 -17.43 29.53 -16.88
CA SER B 202 -18.49 28.90 -17.64
C SER B 202 -18.68 29.56 -19.00
N HIS B 203 -18.71 30.89 -19.02
CA HIS B 203 -18.85 31.64 -20.26
C HIS B 203 -17.69 31.25 -21.17
N TRP B 204 -16.49 31.22 -20.59
CA TRP B 204 -15.28 30.86 -21.32
C TRP B 204 -15.39 29.53 -22.07
N THR B 205 -15.67 28.45 -21.34
CA THR B 205 -15.79 27.15 -21.97
C THR B 205 -16.63 27.20 -23.23
N TYR B 206 -17.72 27.98 -23.21
CA TYR B 206 -18.58 28.09 -24.38
C TYR B 206 -17.84 28.70 -25.54
N GLU B 207 -16.97 29.66 -25.26
CA GLU B 207 -16.24 30.30 -26.34
C GLU B 207 -15.17 29.38 -26.88
N TYR B 208 -14.26 28.98 -26.00
CA TYR B 208 -13.19 28.08 -26.34
C TYR B 208 -13.71 26.92 -27.19
N THR B 209 -14.68 26.17 -26.69
CA THR B 209 -15.22 25.04 -27.46
C THR B 209 -16.16 25.46 -28.58
N ARG B 210 -16.06 26.72 -28.98
CA ARG B 210 -16.89 27.25 -30.05
C ARG B 210 -18.38 26.91 -30.08
N GLY B 211 -18.97 26.87 -28.88
CA GLY B 211 -20.38 26.59 -28.75
C GLY B 211 -20.65 25.11 -28.73
N GLU B 212 -19.58 24.33 -28.71
CA GLU B 212 -19.73 22.90 -28.67
C GLU B 212 -20.09 22.43 -27.27
N LEU B 213 -19.41 22.99 -26.26
CA LEU B 213 -19.68 22.62 -24.87
C LEU B 213 -19.76 23.80 -23.95
N LEU B 214 -20.36 23.57 -22.81
CA LEU B 214 -20.53 24.60 -21.80
C LEU B 214 -20.54 23.94 -20.43
N VAL B 215 -19.65 24.33 -19.55
CA VAL B 215 -19.64 23.73 -18.22
C VAL B 215 -20.52 24.50 -17.24
N LEU B 216 -21.50 23.82 -16.65
CA LEU B 216 -22.40 24.47 -15.70
C LEU B 216 -22.29 23.80 -14.34
N ASP B 217 -23.23 24.13 -13.45
CA ASP B 217 -23.25 23.58 -12.11
C ASP B 217 -21.92 23.77 -11.37
N LEU B 218 -21.34 24.95 -11.50
CA LEU B 218 -20.10 25.22 -10.79
C LEU B 218 -20.45 25.35 -9.33
N GLN B 219 -19.83 24.50 -8.51
CA GLN B 219 -20.06 24.53 -7.09
C GLN B 219 -18.80 24.04 -6.41
N GLY B 220 -18.74 24.22 -5.10
CA GLY B 220 -17.57 23.78 -4.38
C GLY B 220 -17.20 24.77 -3.30
N VAL B 221 -16.00 24.60 -2.78
CA VAL B 221 -15.50 25.46 -1.73
C VAL B 221 -14.37 26.35 -2.27
N GLY B 222 -14.69 27.62 -2.54
CA GLY B 222 -13.70 28.55 -3.04
C GLY B 222 -13.22 28.25 -4.45
N GLU B 223 -11.96 27.83 -4.58
CA GLU B 223 -11.38 27.51 -5.88
C GLU B 223 -11.66 26.05 -6.30
N ASN B 224 -11.64 25.15 -5.33
CA ASN B 224 -11.86 23.73 -5.59
C ASN B 224 -13.31 23.43 -5.92
N LEU B 225 -13.53 22.98 -7.15
CA LEU B 225 -14.85 22.66 -7.63
C LEU B 225 -15.19 21.19 -7.65
N THR B 226 -16.47 20.91 -7.81
CA THR B 226 -16.93 19.55 -7.86
C THR B 226 -18.28 19.48 -8.57
N ASP B 227 -18.71 18.24 -8.82
CA ASP B 227 -19.97 17.94 -9.47
C ASP B 227 -20.47 18.92 -10.50
N PRO B 228 -19.63 19.27 -11.48
CA PRO B 228 -20.05 20.21 -12.52
C PRO B 228 -21.04 19.51 -13.44
N SER B 229 -21.30 20.13 -14.58
CA SER B 229 -22.22 19.57 -15.54
C SER B 229 -21.74 20.09 -16.87
N VAL B 230 -21.32 19.18 -17.73
CA VAL B 230 -20.84 19.59 -19.02
C VAL B 230 -21.98 19.43 -20.01
N ILE B 231 -22.21 20.47 -20.81
CA ILE B 231 -23.29 20.49 -21.79
C ILE B 231 -22.80 20.58 -23.22
N LYS B 232 -23.43 19.81 -24.11
CA LYS B 232 -23.08 19.81 -25.51
C LYS B 232 -24.28 20.35 -26.27
N ALA B 233 -24.02 21.23 -27.23
CA ALA B 233 -25.08 21.83 -28.04
C ALA B 233 -25.95 20.80 -28.79
N GLU B 234 -25.30 19.75 -29.31
CA GLU B 234 -25.98 18.69 -30.06
C GLU B 234 -26.84 17.77 -29.18
N ASN B 247 -34.79 20.03 -21.27
CA ASN B 247 -33.51 19.31 -21.34
C ASN B 247 -32.32 20.19 -20.92
N LEU B 248 -31.13 19.79 -21.36
CA LEU B 248 -29.89 20.51 -21.06
C LEU B 248 -29.12 20.91 -22.32
N GLY B 249 -29.12 20.06 -23.34
CA GLY B 249 -28.42 20.37 -24.57
C GLY B 249 -28.77 21.74 -25.12
N GLU B 250 -29.89 21.83 -25.82
CA GLU B 250 -30.34 23.07 -26.45
C GLU B 250 -30.84 24.07 -25.41
N ASP B 251 -31.74 23.65 -24.51
CA ASP B 251 -32.34 24.53 -23.50
C ASP B 251 -31.37 25.23 -22.57
N ALA B 252 -30.77 24.47 -21.66
CA ALA B 252 -29.84 25.04 -20.71
C ALA B 252 -28.80 25.96 -21.37
N ILE B 253 -28.26 25.54 -22.50
CA ILE B 253 -27.26 26.33 -23.21
C ILE B 253 -27.85 27.69 -23.57
N LYS B 254 -29.15 27.73 -23.84
CA LYS B 254 -29.79 28.97 -24.20
C LYS B 254 -30.10 29.81 -22.95
N ASN B 255 -30.87 29.27 -22.00
CA ASN B 255 -31.19 30.01 -20.79
C ASN B 255 -29.93 30.70 -20.31
N PHE B 256 -28.85 29.94 -20.20
CA PHE B 256 -27.60 30.49 -19.74
C PHE B 256 -27.17 31.72 -20.53
N ARG B 257 -27.40 31.71 -21.83
CA ARG B 257 -27.00 32.85 -22.66
C ARG B 257 -27.90 34.07 -22.46
N ALA B 258 -29.15 33.79 -22.11
CA ALA B 258 -30.14 34.82 -21.86
C ALA B 258 -29.86 35.39 -20.48
N LYS B 259 -29.73 34.49 -19.51
CA LYS B 259 -29.48 34.83 -18.13
C LYS B 259 -28.09 35.43 -17.85
N HIS B 260 -27.03 34.73 -18.18
CA HIS B 260 -25.67 35.23 -17.92
C HIS B 260 -25.48 36.75 -18.00
N HIS B 261 -24.72 37.28 -17.06
CA HIS B 261 -24.41 38.70 -17.00
C HIS B 261 -22.90 38.71 -16.97
N CYS B 262 -22.26 39.21 -18.01
CA CYS B 262 -20.80 39.24 -18.04
C CYS B 262 -20.27 40.11 -16.91
N ASN B 263 -18.96 40.02 -16.65
CA ASN B 263 -18.37 40.81 -15.57
C ASN B 263 -16.92 41.19 -15.83
N SER B 264 -16.25 41.63 -14.78
CA SER B 264 -14.86 42.07 -14.86
C SER B 264 -13.94 41.12 -15.64
N CYS B 265 -14.11 39.82 -15.38
CA CYS B 265 -13.32 38.79 -16.04
C CYS B 265 -13.63 38.60 -17.51
N CYS B 266 -14.91 38.42 -17.83
CA CYS B 266 -15.33 38.26 -19.21
C CYS B 266 -14.72 39.38 -20.05
N ARG B 267 -14.52 40.52 -19.40
CA ARG B 267 -13.93 41.68 -20.04
C ARG B 267 -12.45 41.36 -20.23
N LYS B 268 -11.77 41.16 -19.10
CA LYS B 268 -10.35 40.83 -19.08
C LYS B 268 -10.00 39.62 -19.94
N LEU B 269 -10.94 38.69 -20.03
CA LEU B 269 -10.72 37.51 -20.86
C LEU B 269 -10.99 37.88 -22.29
N LYS B 270 -11.66 39.02 -22.47
CA LYS B 270 -11.99 39.54 -23.79
C LYS B 270 -12.97 38.62 -24.50
N LEU B 271 -14.05 38.26 -23.83
CA LEU B 271 -15.05 37.38 -24.41
C LEU B 271 -16.28 38.14 -24.90
N PRO B 272 -16.73 37.85 -26.12
CA PRO B 272 -17.90 38.48 -26.73
C PRO B 272 -19.20 38.19 -25.96
N ASP B 273 -20.11 39.14 -25.93
CA ASP B 273 -21.36 38.95 -25.22
C ASP B 273 -22.03 37.66 -25.65
N LEU B 274 -22.77 37.06 -24.74
CA LEU B 274 -23.47 35.82 -25.05
C LEU B 274 -24.77 36.09 -25.81
N LYS B 275 -25.70 36.79 -25.16
CA LYS B 275 -27.00 37.12 -25.75
C LYS B 275 -26.94 37.93 -27.06
N ARG B 276 -26.47 37.28 -28.13
CA ARG B 276 -26.37 37.93 -29.44
C ARG B 276 -26.50 36.90 -30.59
N ASN B 277 -26.56 37.39 -31.83
CA ASN B 277 -26.71 36.55 -33.04
C ASN B 277 -25.42 35.79 -33.38
N ASP B 278 -25.57 34.50 -33.68
CA ASP B 278 -24.43 33.65 -34.05
C ASP B 278 -24.13 33.73 -35.56
N TYR B 279 -24.56 34.84 -36.20
CA TYR B 279 -24.36 35.06 -37.63
C TYR B 279 -24.07 36.54 -37.92
N THR B 280 -22.89 37.01 -37.53
CA THR B 280 -22.49 38.40 -37.74
C THR B 280 -20.98 38.54 -37.57
#